data_4NB5
#
_entry.id   4NB5
#
_cell.length_a   54.539
_cell.length_b   57.245
_cell.length_c   61.441
_cell.angle_alpha   82.240
_cell.angle_beta   68.400
_cell.angle_gamma   72.200
#
_symmetry.space_group_name_H-M   'P 1'
#
loop_
_entity.id
_entity.type
_entity.pdbx_description
1 polymer 'DNA binding protein'
2 non-polymer '1,3-dihydroxypropan-2-yl octadecanoate'
3 water water
#
_entity_poly.entity_id   1
_entity_poly.type   'polypeptide(L)'
_entity_poly.pdbx_seq_one_letter_code
;VSVNDGVDQMGAEPDIMEFVEQMGGYFESRSLTRLAGRLLGWLLVCDPERQSSEELATALAASSGGISTNARMLIQFGFI
ERLAVAGDRRTYFRLRPNAFAAGERERIRAMAELQDLADVGLRALGDAPPQRSRRLREMRDLLAYMENVVSDALGRYSQR
TGEDDHHHHHH
;
_entity_poly.pdbx_strand_id   A,B,C,D
#
loop_
_chem_comp.id
_chem_comp.type
_chem_comp.name
_chem_comp.formula
2JT non-polymer '1,3-dihydroxypropan-2-yl octadecanoate' 'C21 H42 O4'
#
# COMPACT_ATOMS: atom_id res chain seq x y z
N ASP A 15 5.69 -23.27 -18.07
CA ASP A 15 5.20 -22.04 -17.46
C ASP A 15 4.84 -22.26 -16.00
N ILE A 16 4.85 -23.51 -15.56
CA ILE A 16 4.57 -23.78 -14.15
C ILE A 16 5.69 -23.20 -13.32
N MET A 17 6.93 -23.38 -13.76
CA MET A 17 8.04 -22.82 -13.03
C MET A 17 7.97 -21.29 -12.99
N GLU A 18 7.27 -20.69 -13.94
CA GLU A 18 7.08 -19.24 -13.92
C GLU A 18 6.20 -18.81 -12.74
N PHE A 19 5.09 -19.50 -12.54
CA PHE A 19 4.22 -19.22 -11.40
C PHE A 19 4.98 -19.44 -10.09
N VAL A 20 5.71 -20.55 -10.02
CA VAL A 20 6.51 -20.85 -8.83
C VAL A 20 7.50 -19.74 -8.54
N GLU A 21 8.20 -19.27 -9.57
CA GLU A 21 9.20 -18.23 -9.39
C GLU A 21 8.54 -16.94 -8.92
N GLN A 22 7.35 -16.66 -9.44
CA GLN A 22 6.62 -15.46 -9.06
C GLN A 22 6.16 -15.50 -7.61
N MET A 23 5.79 -16.69 -7.13
CA MET A 23 5.44 -16.83 -5.72
C MET A 23 6.67 -16.60 -4.84
N GLY A 24 7.84 -17.03 -5.32
CA GLY A 24 9.08 -16.74 -4.61
C GLY A 24 9.26 -15.25 -4.47
N GLY A 25 8.97 -14.53 -5.55
CA GLY A 25 9.04 -13.07 -5.57
C GLY A 25 8.09 -12.38 -4.60
N TYR A 26 6.86 -12.85 -4.56
CA TYR A 26 5.88 -12.31 -3.62
C TYR A 26 6.40 -12.48 -2.20
N PHE A 27 6.97 -13.64 -1.90
CA PHE A 27 7.48 -13.84 -0.55
C PHE A 27 8.66 -12.92 -0.26
N GLU A 28 9.60 -12.83 -1.20
CA GLU A 28 10.81 -12.05 -0.97
C GLU A 28 10.49 -10.57 -0.83
N SER A 29 9.40 -10.13 -1.47
CA SER A 29 8.98 -8.73 -1.41
CA SER A 29 8.98 -8.73 -1.41
C SER A 29 8.42 -8.39 -0.04
N ARG A 30 7.87 -9.38 0.64
N ARG A 30 7.83 -9.37 0.63
CA ARG A 30 7.32 -9.18 1.98
CA ARG A 30 7.32 -9.18 1.98
C ARG A 30 8.32 -9.64 3.04
C ARG A 30 8.31 -9.65 3.04
N SER A 31 9.59 -9.64 2.67
CA SER A 31 10.67 -9.94 3.60
C SER A 31 10.71 -11.37 4.13
N LEU A 32 10.09 -12.28 3.39
CA LEU A 32 10.19 -13.71 3.69
C LEU A 32 11.17 -14.34 2.70
N THR A 33 11.46 -15.62 2.84
CA THR A 33 12.44 -16.24 1.94
C THR A 33 11.83 -16.58 0.59
N ARG A 34 12.64 -16.48 -0.43
CA ARG A 34 12.23 -16.79 -1.75
C ARG A 34 11.86 -18.28 -1.79
N LEU A 35 12.62 -19.10 -1.09
CA LEU A 35 12.37 -20.52 -1.10
C LEU A 35 11.02 -20.89 -0.49
N ALA A 36 10.61 -20.22 0.60
CA ALA A 36 9.29 -20.51 1.17
C ALA A 36 8.20 -20.23 0.14
N GLY A 37 8.34 -19.13 -0.60
CA GLY A 37 7.39 -18.79 -1.64
C GLY A 37 7.35 -19.80 -2.76
N ARG A 38 8.53 -20.22 -3.23
CA ARG A 38 8.61 -21.21 -4.28
C ARG A 38 8.02 -22.53 -3.81
N LEU A 39 8.26 -22.88 -2.55
CA LEU A 39 7.75 -24.12 -2.01
C LEU A 39 6.22 -24.10 -1.94
N LEU A 40 5.66 -22.98 -1.48
CA LEU A 40 4.20 -22.84 -1.42
C LEU A 40 3.65 -22.93 -2.83
N GLY A 41 4.26 -22.19 -3.76
CA GLY A 41 3.85 -22.23 -5.14
C GLY A 41 3.84 -23.64 -5.70
N TRP A 42 4.94 -24.36 -5.48
CA TRP A 42 5.05 -25.74 -5.94
C TRP A 42 3.92 -26.60 -5.37
N LEU A 43 3.66 -26.47 -4.07
CA LEU A 43 2.63 -27.31 -3.44
C LEU A 43 1.20 -26.93 -3.86
N LEU A 44 1.05 -25.76 -4.48
CA LEU A 44 -0.22 -25.34 -5.04
C LEU A 44 -0.51 -25.98 -6.39
N VAL A 45 0.54 -26.40 -7.11
CA VAL A 45 0.36 -26.85 -8.49
C VAL A 45 0.88 -28.25 -8.80
N CYS A 46 1.63 -28.83 -7.88
CA CYS A 46 2.28 -30.11 -8.15
C CYS A 46 1.30 -31.28 -8.27
N ASP A 47 1.71 -32.35 -8.94
CA ASP A 47 0.91 -33.56 -9.02
C ASP A 47 1.84 -34.76 -8.89
N PRO A 48 1.58 -35.66 -7.94
CA PRO A 48 0.54 -35.69 -6.92
C PRO A 48 0.63 -34.49 -5.97
N GLU A 49 -0.42 -34.23 -5.21
CA GLU A 49 -0.39 -33.13 -4.25
C GLU A 49 0.69 -33.36 -3.21
N ARG A 50 0.86 -34.59 -2.77
CA ARG A 50 1.88 -34.90 -1.78
C ARG A 50 3.25 -35.00 -2.45
N GLN A 51 4.27 -34.52 -1.74
CA GLN A 51 5.64 -34.50 -2.24
C GLN A 51 6.58 -34.88 -1.13
N SER A 52 7.51 -35.78 -1.42
CA SER A 52 8.50 -36.15 -0.43
C SER A 52 9.56 -35.06 -0.28
N SER A 53 10.29 -35.09 0.82
CA SER A 53 11.39 -34.15 1.04
C SER A 53 12.33 -34.13 -0.16
N GLU A 54 12.69 -35.31 -0.67
CA GLU A 54 13.65 -35.40 -1.76
CA GLU A 54 13.66 -35.39 -1.76
C GLU A 54 13.04 -34.89 -3.06
N GLU A 55 11.76 -35.19 -3.27
CA GLU A 55 11.05 -34.71 -4.45
C GLU A 55 11.03 -33.19 -4.46
N LEU A 56 10.81 -32.60 -3.29
CA LEU A 56 10.80 -31.14 -3.19
C LEU A 56 12.18 -30.54 -3.48
N ALA A 57 13.22 -31.14 -2.91
CA ALA A 57 14.57 -30.63 -3.12
C ALA A 57 14.91 -30.69 -4.60
N THR A 58 14.54 -31.79 -5.23
CA THR A 58 14.82 -31.99 -6.65
C THR A 58 14.02 -31.02 -7.50
N ALA A 59 12.72 -30.90 -7.22
CA ALA A 59 11.84 -30.04 -8.00
C ALA A 59 12.30 -28.59 -7.97
N LEU A 60 12.74 -28.14 -6.81
CA LEU A 60 13.05 -26.73 -6.59
C LEU A 60 14.55 -26.42 -6.65
N ALA A 61 15.35 -27.43 -6.95
CA ALA A 61 16.80 -27.27 -6.98
C ALA A 61 17.26 -26.64 -5.67
N ALA A 62 16.77 -27.21 -4.57
CA ALA A 62 16.98 -26.65 -3.25
C ALA A 62 17.71 -27.64 -2.35
N SER A 63 18.26 -27.13 -1.26
CA SER A 63 18.95 -27.94 -0.27
C SER A 63 17.96 -28.51 0.74
N SER A 64 18.34 -29.62 1.37
CA SER A 64 17.46 -30.33 2.29
C SER A 64 17.19 -29.48 3.52
N GLY A 65 18.20 -28.73 3.98
CA GLY A 65 18.02 -27.84 5.11
C GLY A 65 17.06 -26.71 4.76
N GLY A 66 17.18 -26.20 3.54
CA GLY A 66 16.27 -25.17 3.05
C GLY A 66 14.84 -25.68 2.99
N ILE A 67 14.66 -26.88 2.44
CA ILE A 67 13.33 -27.50 2.42
C ILE A 67 12.80 -27.68 3.86
N SER A 68 13.61 -28.24 4.74
CA SER A 68 13.15 -28.46 6.12
C SER A 68 12.72 -27.16 6.81
N THR A 69 13.54 -26.13 6.70
CA THR A 69 13.29 -24.88 7.40
C THR A 69 12.04 -24.20 6.85
N ASN A 70 11.93 -24.14 5.53
CA ASN A 70 10.82 -23.42 4.93
C ASN A 70 9.52 -24.19 4.99
N ALA A 71 9.60 -25.51 4.97
CA ALA A 71 8.40 -26.30 5.18
C ALA A 71 7.85 -26.08 6.58
N ARG A 72 8.74 -26.00 7.57
CA ARG A 72 8.31 -25.77 8.94
CA ARG A 72 8.30 -25.78 8.93
C ARG A 72 7.56 -24.44 9.04
N MET A 73 8.06 -23.43 8.33
CA MET A 73 7.45 -22.09 8.31
CA MET A 73 7.43 -22.12 8.38
C MET A 73 6.05 -22.15 7.71
N LEU A 74 5.94 -22.85 6.59
CA LEU A 74 4.63 -22.97 5.93
C LEU A 74 3.65 -23.77 6.77
N ILE A 75 4.15 -24.72 7.56
CA ILE A 75 3.30 -25.43 8.50
C ILE A 75 2.83 -24.48 9.60
N GLN A 76 3.77 -23.72 10.15
CA GLN A 76 3.43 -22.73 11.18
C GLN A 76 2.39 -21.72 10.69
N PHE A 77 2.50 -21.30 9.43
CA PHE A 77 1.58 -20.33 8.87
C PHE A 77 0.23 -20.93 8.49
N GLY A 78 0.12 -22.26 8.53
CA GLY A 78 -1.15 -22.94 8.35
C GLY A 78 -1.43 -23.47 6.95
N PHE A 79 -0.48 -23.35 6.03
CA PHE A 79 -0.75 -23.65 4.62
C PHE A 79 -0.57 -25.10 4.26
N ILE A 80 0.42 -25.75 4.86
CA ILE A 80 0.74 -27.12 4.48
C ILE A 80 0.83 -28.01 5.71
N GLU A 81 0.85 -29.32 5.46
CA GLU A 81 1.00 -30.30 6.53
C GLU A 81 2.05 -31.36 6.18
N ARG A 82 2.66 -31.87 7.23
CA ARG A 82 3.60 -32.98 7.14
C ARG A 82 2.78 -34.24 7.25
N LEU A 83 3.08 -35.25 6.46
CA LEU A 83 2.29 -36.48 6.55
C LEU A 83 3.14 -37.71 6.30
N ALA A 84 2.58 -38.86 6.67
CA ALA A 84 3.21 -40.15 6.42
C ALA A 84 2.36 -40.93 5.44
N VAL A 85 3.02 -41.76 4.64
CA VAL A 85 2.35 -42.58 3.66
C VAL A 85 2.62 -44.02 4.01
N ALA A 86 1.56 -44.82 4.04
CA ALA A 86 1.69 -46.23 4.39
C ALA A 86 2.65 -46.94 3.43
N GLY A 87 3.56 -47.71 3.99
CA GLY A 87 4.48 -48.51 3.20
C GLY A 87 5.64 -47.70 2.64
N ASP A 88 5.85 -46.52 3.22
CA ASP A 88 6.85 -45.59 2.72
C ASP A 88 7.55 -44.93 3.92
N ARG A 89 8.88 -44.85 3.86
CA ARG A 89 9.67 -44.31 4.96
C ARG A 89 9.81 -42.79 4.87
N ARG A 90 9.61 -42.26 3.67
CA ARG A 90 9.90 -40.84 3.40
C ARG A 90 8.95 -39.90 4.12
N THR A 91 9.45 -38.69 4.41
CA THR A 91 8.63 -37.61 4.92
C THR A 91 7.95 -36.94 3.73
N TYR A 92 6.66 -36.69 3.85
CA TYR A 92 5.89 -36.05 2.79
C TYR A 92 5.25 -34.77 3.30
N PHE A 93 4.98 -33.87 2.36
CA PHE A 93 4.27 -32.64 2.65
C PHE A 93 3.16 -32.47 1.64
N ARG A 94 2.11 -31.77 2.03
CA ARG A 94 1.01 -31.51 1.14
C ARG A 94 0.29 -30.24 1.56
N LEU A 95 -0.18 -29.49 0.58
CA LEU A 95 -1.01 -28.33 0.85
C LEU A 95 -2.24 -28.79 1.61
N ARG A 96 -2.62 -28.04 2.63
CA ARG A 96 -3.81 -28.37 3.40
C ARG A 96 -5.06 -28.10 2.57
N PRO A 97 -6.16 -28.83 2.87
CA PRO A 97 -7.46 -28.49 2.30
C PRO A 97 -7.82 -27.05 2.65
N ASN A 98 -8.40 -26.29 1.72
CA ASN A 98 -8.77 -24.91 2.00
C ASN A 98 -7.61 -24.20 2.70
N ALA A 99 -6.43 -24.34 2.12
CA ALA A 99 -5.19 -23.89 2.72
C ALA A 99 -5.19 -22.42 3.12
N PHE A 100 -5.77 -21.56 2.30
CA PHE A 100 -5.73 -20.14 2.61
C PHE A 100 -6.72 -19.75 3.70
N ALA A 101 -7.79 -20.52 3.86
CA ALA A 101 -8.66 -20.34 5.01
C ALA A 101 -7.93 -20.78 6.28
N ALA A 102 -7.17 -21.86 6.17
CA ALA A 102 -6.37 -22.33 7.29
C ALA A 102 -5.30 -21.29 7.63
N GLY A 103 -4.73 -20.67 6.60
CA GLY A 103 -3.77 -19.61 6.81
C GLY A 103 -4.40 -18.44 7.56
N GLU A 104 -5.64 -18.11 7.19
CA GLU A 104 -6.36 -17.04 7.87
C GLU A 104 -6.64 -17.39 9.32
N ARG A 105 -6.94 -18.65 9.60
CA ARG A 105 -7.16 -19.08 10.98
C ARG A 105 -5.90 -18.84 11.80
N GLU A 106 -4.75 -19.14 11.22
CA GLU A 106 -3.50 -18.90 11.92
C GLU A 106 -3.21 -17.42 12.09
N ARG A 107 -3.64 -16.60 11.14
CA ARG A 107 -3.46 -15.14 11.26
C ARG A 107 -4.27 -14.60 12.42
N ILE A 108 -5.46 -15.16 12.63
CA ILE A 108 -6.29 -14.74 13.75
C ILE A 108 -5.55 -15.03 15.06
N ARG A 109 -4.96 -16.21 15.15
CA ARG A 109 -4.21 -16.58 16.35
C ARG A 109 -3.00 -15.66 16.54
N ALA A 110 -2.33 -15.32 15.45
CA ALA A 110 -1.19 -14.40 15.50
C ALA A 110 -1.62 -13.02 15.99
N MET A 111 -2.77 -12.56 15.51
CA MET A 111 -3.29 -11.25 15.91
CA MET A 111 -3.29 -11.25 15.91
C MET A 111 -3.57 -11.24 17.41
N ALA A 112 -4.14 -12.34 17.91
CA ALA A 112 -4.45 -12.44 19.34
C ALA A 112 -3.17 -12.39 20.18
N GLU A 113 -2.12 -13.05 19.70
CA GLU A 113 -0.84 -13.01 20.39
C GLU A 113 -0.29 -11.58 20.39
N LEU A 114 -0.40 -10.91 19.25
CA LEU A 114 0.09 -9.54 19.12
C LEU A 114 -0.72 -8.60 20.00
N GLN A 115 -2.02 -8.84 20.08
CA GLN A 115 -2.86 -8.03 20.95
C GLN A 115 -2.46 -8.21 22.41
N ASP A 116 -2.13 -9.44 22.80
CA ASP A 116 -1.63 -9.69 24.15
C ASP A 116 -0.37 -8.86 24.42
N LEU A 117 0.49 -8.70 23.41
CA LEU A 117 1.69 -7.88 23.59
C LEU A 117 1.31 -6.41 23.75
N ALA A 118 0.32 -5.94 22.99
CA ALA A 118 -0.15 -4.58 23.17
C ALA A 118 -0.55 -4.37 24.64
N ASP A 119 -1.17 -5.38 25.24
CA ASP A 119 -1.59 -5.27 26.64
C ASP A 119 -0.39 -5.13 27.56
N VAL A 120 0.69 -5.85 27.25
CA VAL A 120 1.93 -5.70 27.99
C VAL A 120 2.46 -4.26 27.90
N GLY A 121 2.48 -3.73 26.69
CA GLY A 121 2.90 -2.36 26.46
C GLY A 121 2.05 -1.37 27.24
N LEU A 122 0.74 -1.60 27.27
CA LEU A 122 -0.15 -0.69 27.99
C LEU A 122 0.15 -0.69 29.48
N ARG A 123 0.42 -1.86 30.03
CA ARG A 123 0.76 -1.95 31.44
CA ARG A 123 0.77 -1.94 31.44
C ARG A 123 2.10 -1.25 31.68
N ALA A 124 3.04 -1.40 30.75
CA ALA A 124 4.35 -0.79 30.89
C ALA A 124 4.26 0.73 30.89
N LEU A 125 3.20 1.28 30.28
CA LEU A 125 3.01 2.72 30.25
C LEU A 125 1.91 3.21 31.23
N GLY A 126 1.55 2.38 32.20
CA GLY A 126 0.47 2.72 33.11
C GLY A 126 0.68 3.97 33.93
N ASP A 127 1.94 4.29 34.24
CA ASP A 127 2.25 5.49 35.03
C ASP A 127 2.26 6.75 34.18
N ALA A 128 2.50 6.58 32.89
CA ALA A 128 2.66 7.71 31.99
C ALA A 128 1.31 8.32 31.62
N PRO A 129 1.34 9.55 31.07
CA PRO A 129 0.10 10.21 30.63
C PRO A 129 -0.65 9.34 29.63
N PRO A 130 -1.98 9.28 29.72
CA PRO A 130 -2.72 8.40 28.82
C PRO A 130 -2.52 8.69 27.33
N GLN A 131 -2.14 9.92 26.99
CA GLN A 131 -1.95 10.28 25.59
C GLN A 131 -0.82 9.43 25.02
N ARG A 132 0.15 9.10 25.86
CA ARG A 132 1.30 8.33 25.41
C ARG A 132 0.90 6.90 25.02
N SER A 133 -0.23 6.44 25.53
CA SER A 133 -0.72 5.09 25.25
C SER A 133 -1.70 5.02 24.08
N ARG A 134 -1.93 6.15 23.40
CA ARG A 134 -2.92 6.16 22.32
C ARG A 134 -2.59 5.16 21.22
N ARG A 135 -1.32 5.12 20.84
CA ARG A 135 -0.90 4.22 19.76
C ARG A 135 -1.20 2.77 20.11
N LEU A 136 -0.84 2.37 21.34
CA LEU A 136 -1.09 1.00 21.76
C LEU A 136 -2.59 0.70 21.86
N ARG A 137 -3.39 1.68 22.27
CA ARG A 137 -4.83 1.50 22.33
C ARG A 137 -5.41 1.27 20.92
N GLU A 138 -4.94 2.05 19.94
CA GLU A 138 -5.39 1.91 18.56
CA GLU A 138 -5.37 1.90 18.54
C GLU A 138 -5.03 0.52 18.05
N MET A 139 -3.81 0.07 18.36
CA MET A 139 -3.31 -1.24 17.94
C MET A 139 -4.20 -2.34 18.51
N ARG A 140 -4.41 -2.30 19.82
CA ARG A 140 -5.24 -3.29 20.49
C ARG A 140 -6.67 -3.31 19.93
N ASP A 141 -7.25 -2.12 19.76
CA ASP A 141 -8.63 -2.00 19.29
C ASP A 141 -8.78 -2.60 17.89
N LEU A 142 -7.84 -2.30 17.01
CA LEU A 142 -7.92 -2.76 15.63
C LEU A 142 -7.75 -4.27 15.56
N LEU A 143 -6.76 -4.79 16.27
CA LEU A 143 -6.53 -6.24 16.27
C LEU A 143 -7.75 -7.00 16.76
N ALA A 144 -8.35 -6.55 17.87
CA ALA A 144 -9.56 -7.17 18.36
C ALA A 144 -10.67 -7.16 17.31
N TYR A 145 -10.87 -6.00 16.69
CA TYR A 145 -11.92 -5.83 15.70
C TYR A 145 -11.70 -6.78 14.54
N MET A 146 -10.48 -6.82 14.02
CA MET A 146 -10.17 -7.69 12.90
C MET A 146 -10.25 -9.18 13.24
N GLU A 147 -9.81 -9.55 14.44
CA GLU A 147 -9.95 -10.94 14.88
C GLU A 147 -11.41 -11.37 14.84
N ASN A 148 -12.29 -10.50 15.33
CA ASN A 148 -13.71 -10.81 15.35
C ASN A 148 -14.27 -10.90 13.93
N VAL A 149 -13.88 -9.95 13.07
CA VAL A 149 -14.36 -9.90 11.70
C VAL A 149 -13.93 -11.11 10.90
N VAL A 150 -12.65 -11.45 10.99
CA VAL A 150 -12.13 -12.57 10.20
C VAL A 150 -12.71 -13.90 10.68
N SER A 151 -12.82 -14.09 12.00
CA SER A 151 -13.40 -15.31 12.53
CA SER A 151 -13.40 -15.31 12.53
C SER A 151 -14.83 -15.49 12.05
N ASP A 152 -15.62 -14.43 12.13
CA ASP A 152 -16.99 -14.45 11.63
C ASP A 152 -17.04 -14.78 10.13
N ALA A 153 -16.16 -14.15 9.36
CA ALA A 153 -16.13 -14.32 7.92
C ALA A 153 -15.77 -15.76 7.55
N LEU A 154 -14.80 -16.34 8.25
CA LEU A 154 -14.38 -17.70 7.93
C LEU A 154 -15.47 -18.70 8.23
N GLY A 155 -16.22 -18.46 9.29
CA GLY A 155 -17.33 -19.35 9.65
C GLY A 155 -18.39 -19.32 8.57
N ARG A 156 -18.74 -18.13 8.13
CA ARG A 156 -19.74 -17.96 7.08
C ARG A 156 -19.28 -18.60 5.78
N TYR A 157 -17.99 -18.47 5.48
CA TYR A 157 -17.44 -18.99 4.22
C TYR A 157 -17.49 -20.51 4.17
N SER A 158 -17.10 -21.16 5.27
CA SER A 158 -17.11 -22.62 5.34
C SER A 158 -18.53 -23.17 5.20
N GLN A 159 -19.52 -22.29 5.41
CA GLN A 159 -20.92 -22.70 5.29
C GLN A 159 -21.47 -22.35 3.91
N GLU B 13 5.54 -5.60 37.45
CA GLU B 13 4.96 -4.98 36.27
C GLU B 13 6.00 -4.88 35.15
N PRO B 14 5.57 -5.09 33.90
CA PRO B 14 6.51 -5.03 32.79
C PRO B 14 6.98 -3.60 32.56
N ASP B 15 8.13 -3.43 31.94
CA ASP B 15 8.52 -2.11 31.50
C ASP B 15 8.64 -2.10 29.98
N ILE B 16 8.92 -0.93 29.44
CA ILE B 16 8.95 -0.75 27.99
C ILE B 16 9.96 -1.64 27.28
N MET B 17 11.12 -1.89 27.88
CA MET B 17 12.07 -2.70 27.13
CA MET B 17 12.15 -2.74 27.28
C MET B 17 11.63 -4.16 27.07
N GLU B 18 10.85 -4.63 28.05
CA GLU B 18 10.31 -5.98 27.98
C GLU B 18 9.31 -6.10 26.82
N PHE B 19 8.51 -5.05 26.63
CA PHE B 19 7.58 -5.01 25.51
C PHE B 19 8.34 -5.01 24.17
N VAL B 20 9.34 -4.15 24.07
CA VAL B 20 10.14 -4.04 22.85
C VAL B 20 10.81 -5.38 22.54
N GLU B 21 11.38 -6.01 23.57
CA GLU B 21 12.01 -7.32 23.41
C GLU B 21 11.01 -8.35 22.89
N GLN B 22 9.81 -8.34 23.45
CA GLN B 22 8.80 -9.32 23.07
C GLN B 22 8.30 -9.09 21.66
N MET B 23 8.20 -7.84 21.25
CA MET B 23 7.88 -7.51 19.86
C MET B 23 8.95 -8.06 18.90
N GLY B 24 10.21 -7.93 19.28
CA GLY B 24 11.27 -8.54 18.50
C GLY B 24 11.07 -10.04 18.37
N GLY B 25 10.73 -10.71 19.48
CA GLY B 25 10.52 -12.15 19.45
C GLY B 25 9.34 -12.54 18.58
N TYR B 26 8.29 -11.71 18.62
CA TYR B 26 7.11 -11.95 17.78
C TYR B 26 7.48 -11.95 16.31
N PHE B 27 8.31 -11.00 15.90
CA PHE B 27 8.75 -10.92 14.52
C PHE B 27 9.66 -12.09 14.15
N GLU B 28 10.66 -12.36 14.98
CA GLU B 28 11.63 -13.40 14.67
C GLU B 28 10.98 -14.79 14.60
N SER B 29 9.94 -14.99 15.40
CA SER B 29 9.29 -16.30 15.46
C SER B 29 8.53 -16.58 14.17
N ARG B 30 8.35 -15.52 13.37
CA ARG B 30 7.64 -15.60 12.11
C ARG B 30 8.54 -15.32 10.91
N SER B 31 9.83 -15.59 11.11
CA SER B 31 10.83 -15.49 10.05
C SER B 31 11.06 -14.05 9.58
N LEU B 32 10.59 -13.08 10.36
CA LEU B 32 10.95 -11.69 10.10
C LEU B 32 12.14 -11.34 11.01
N THR B 33 12.74 -10.17 10.80
CA THR B 33 13.90 -9.80 11.61
C THR B 33 13.51 -9.33 13.01
N ARG B 34 14.34 -9.69 13.98
CA ARG B 34 14.15 -9.26 15.35
C ARG B 34 14.17 -7.73 15.43
N LEU B 35 15.08 -7.11 14.70
CA LEU B 35 15.23 -5.65 14.77
C LEU B 35 13.98 -4.93 14.26
N ALA B 36 13.33 -5.47 13.22
CA ALA B 36 12.10 -4.88 12.75
C ALA B 36 11.02 -4.88 13.83
N GLY B 37 10.89 -6.00 14.54
CA GLY B 37 9.95 -6.09 15.64
C GLY B 37 10.25 -5.12 16.76
N ARG B 38 11.53 -5.03 17.14
CA ARG B 38 11.95 -4.11 18.20
C ARG B 38 11.72 -2.67 17.79
N LEU B 39 12.02 -2.35 16.53
CA LEU B 39 11.77 -1.01 16.00
C LEU B 39 10.29 -0.63 16.03
N LEU B 40 9.42 -1.55 15.60
CA LEU B 40 7.99 -1.29 15.65
C LEU B 40 7.55 -1.11 17.11
N GLY B 41 8.03 -1.98 17.99
CA GLY B 41 7.71 -1.85 19.40
C GLY B 41 8.13 -0.51 19.97
N TRP B 42 9.35 -0.10 19.67
CA TRP B 42 9.86 1.18 20.13
C TRP B 42 8.98 2.34 19.64
N LEU B 43 8.59 2.31 18.37
CA LEU B 43 7.79 3.42 17.83
C LEU B 43 6.36 3.43 18.35
N LEU B 44 5.94 2.33 18.97
CA LEU B 44 4.65 2.25 19.63
C LEU B 44 4.63 2.89 21.02
N VAL B 45 5.81 3.01 21.65
CA VAL B 45 5.85 3.46 23.04
C VAL B 45 6.74 4.67 23.29
N CYS B 46 7.56 5.04 22.31
CA CYS B 46 8.53 6.11 22.52
C CYS B 46 7.85 7.48 22.71
N ASP B 47 8.59 8.39 23.34
CA ASP B 47 8.12 9.76 23.52
C ASP B 47 9.34 10.65 23.37
N PRO B 48 9.31 11.60 22.41
CA PRO B 48 8.20 11.88 21.51
C PRO B 48 7.98 10.77 20.49
N GLU B 49 6.83 10.78 19.85
CA GLU B 49 6.49 9.76 18.87
C GLU B 49 7.45 9.77 17.69
N ARG B 50 7.89 10.95 17.25
CA ARG B 50 8.84 11.00 16.16
C ARG B 50 10.28 10.81 16.68
N GLN B 51 11.04 9.98 15.97
CA GLN B 51 12.41 9.65 16.35
C GLN B 51 13.34 9.77 15.16
N SER B 52 14.53 10.32 15.38
CA SER B 52 15.55 10.38 14.34
C SER B 52 16.22 9.04 14.15
N SER B 53 16.83 8.84 12.98
CA SER B 53 17.56 7.61 12.69
C SER B 53 18.62 7.33 13.76
N GLU B 54 19.32 8.39 14.17
CA GLU B 54 20.38 8.28 15.16
C GLU B 54 19.81 7.87 16.51
N GLU B 55 18.69 8.47 16.90
CA GLU B 55 18.04 8.16 18.16
C GLU B 55 17.59 6.71 18.22
N LEU B 56 17.09 6.20 17.09
CA LEU B 56 16.63 4.83 17.00
C LEU B 56 17.79 3.86 17.12
N ALA B 57 18.89 4.17 16.42
CA ALA B 57 20.07 3.32 16.48
C ALA B 57 20.60 3.26 17.90
N THR B 58 20.57 4.39 18.61
CA THR B 58 21.08 4.45 19.97
C THR B 58 20.23 3.64 20.93
N ALA B 59 18.91 3.85 20.86
CA ALA B 59 17.96 3.22 21.77
C ALA B 59 17.96 1.70 21.64
N LEU B 60 18.13 1.22 20.42
CA LEU B 60 18.04 -0.21 20.11
C LEU B 60 19.41 -0.90 20.00
N ALA B 61 20.48 -0.15 20.27
CA ALA B 61 21.83 -0.70 20.17
C ALA B 61 22.02 -1.32 18.79
N ALA B 62 21.60 -0.59 17.76
CA ALA B 62 21.64 -1.10 16.40
C ALA B 62 22.52 -0.25 15.50
N SER B 63 22.88 -0.80 14.34
CA SER B 63 23.65 -0.07 13.34
C SER B 63 22.72 0.83 12.52
N SER B 64 23.29 1.85 11.88
CA SER B 64 22.49 2.74 11.05
C SER B 64 21.93 1.98 9.86
N GLY B 65 22.68 1.00 9.39
CA GLY B 65 22.24 0.14 8.31
C GLY B 65 21.03 -0.67 8.74
N GLY B 66 21.09 -1.23 9.95
CA GLY B 66 19.99 -2.02 10.48
C GLY B 66 18.72 -1.20 10.61
N ILE B 67 18.84 0.02 11.12
CA ILE B 67 17.69 0.90 11.25
C ILE B 67 17.11 1.21 9.86
N SER B 68 17.98 1.58 8.93
CA SER B 68 17.52 1.92 7.58
C SER B 68 16.76 0.79 6.90
N THR B 69 17.33 -0.40 6.86
CA THR B 69 16.71 -1.50 6.12
C THR B 69 15.42 -1.95 6.81
N ASN B 70 15.43 -2.00 8.13
CA ASN B 70 14.22 -2.41 8.85
C ASN B 70 13.13 -1.34 8.87
N ALA B 71 13.53 -0.07 8.87
CA ALA B 71 12.55 1.00 8.74
C ALA B 71 11.85 0.91 7.38
N ARG B 72 12.62 0.62 6.35
CA ARG B 72 12.08 0.47 5.01
C ARG B 72 11.02 -0.63 4.96
N MET B 73 11.29 -1.73 5.66
CA MET B 73 10.36 -2.84 5.72
CA MET B 73 10.35 -2.85 5.73
C MET B 73 9.06 -2.44 6.40
N LEU B 74 9.17 -1.74 7.53
CA LEU B 74 7.98 -1.33 8.26
C LEU B 74 7.17 -0.31 7.49
N ILE B 75 7.83 0.52 6.68
CA ILE B 75 7.12 1.45 5.80
C ILE B 75 6.34 0.65 4.75
N GLN B 76 6.97 -0.35 4.17
CA GLN B 76 6.32 -1.18 3.15
C GLN B 76 5.12 -1.91 3.75
N PHE B 77 5.27 -2.40 4.99
CA PHE B 77 4.16 -3.06 5.68
C PHE B 77 3.03 -2.08 6.04
N GLY B 78 3.31 -0.78 6.03
CA GLY B 78 2.29 0.22 6.23
C GLY B 78 2.22 0.76 7.64
N PHE B 79 3.16 0.38 8.50
CA PHE B 79 3.06 0.74 9.92
C PHE B 79 3.67 2.09 10.28
N ILE B 80 4.76 2.46 9.62
CA ILE B 80 5.46 3.69 9.96
C ILE B 80 5.67 4.59 8.76
N GLU B 81 6.07 5.82 9.03
CA GLU B 81 6.29 6.81 7.98
C GLU B 81 7.60 7.53 8.19
N ARG B 82 8.16 7.97 7.08
CA ARG B 82 9.35 8.82 7.07
C ARG B 82 8.88 10.26 7.17
N LEU B 83 9.59 11.07 7.95
CA LEU B 83 9.33 12.50 8.01
C LEU B 83 10.64 13.25 7.84
N ALA B 84 10.54 14.49 7.37
CA ALA B 84 11.71 15.34 7.17
C ALA B 84 11.31 16.79 7.35
N VAL B 85 12.29 17.61 7.77
CA VAL B 85 12.08 19.03 7.99
C VAL B 85 13.11 19.81 7.17
N ALA B 86 12.65 20.83 6.45
CA ALA B 86 13.52 21.60 5.56
C ALA B 86 14.81 22.04 6.27
N GLY B 87 14.67 22.69 7.41
CA GLY B 87 15.82 23.19 8.14
C GLY B 87 16.70 22.08 8.68
N ASP B 88 16.12 20.90 8.86
CA ASP B 88 16.83 19.76 9.44
C ASP B 88 17.16 18.73 8.36
N ARG B 89 18.34 18.11 8.45
CA ARG B 89 18.70 17.12 7.44
C ARG B 89 18.87 15.72 8.04
N ARG B 90 18.39 15.56 9.28
CA ARG B 90 18.24 14.24 9.87
C ARG B 90 17.00 13.57 9.30
N THR B 91 17.03 12.24 9.26
CA THR B 91 15.87 11.45 8.87
C THR B 91 15.06 11.10 10.13
N TYR B 92 13.76 11.37 10.10
CA TYR B 92 12.89 10.99 11.22
C TYR B 92 11.89 9.92 10.79
N PHE B 93 11.50 9.08 11.76
CA PHE B 93 10.42 8.12 11.53
C PHE B 93 9.40 8.26 12.64
N ARG B 94 8.19 7.83 12.32
CA ARG B 94 7.10 7.90 13.25
C ARG B 94 6.09 6.80 12.94
N LEU B 95 5.46 6.28 13.96
CA LEU B 95 4.36 5.36 13.72
C LEU B 95 3.26 6.12 13.00
N ARG B 96 2.64 5.48 12.03
CA ARG B 96 1.56 6.11 11.28
CA ARG B 96 1.57 6.12 11.30
C ARG B 96 0.32 6.27 12.15
N PRO B 97 -0.49 7.31 11.89
CA PRO B 97 -1.78 7.35 12.57
C PRO B 97 -2.56 6.08 12.22
N ASN B 98 -3.29 5.51 13.17
CA ASN B 98 -4.09 4.33 12.90
C ASN B 98 -3.23 3.25 12.22
N ALA B 99 -2.04 3.01 12.77
CA ALA B 99 -1.02 2.21 12.09
C ALA B 99 -1.44 0.79 11.73
N PHE B 100 -2.18 0.12 12.61
CA PHE B 100 -2.53 -1.26 12.34
C PHE B 100 -3.69 -1.36 11.35
N ALA B 101 -4.52 -0.33 11.28
CA ALA B 101 -5.52 -0.26 10.23
C ALA B 101 -4.82 -0.06 8.90
N ALA B 102 -3.81 0.80 8.89
CA ALA B 102 -3.01 1.02 7.68
C ALA B 102 -2.29 -0.26 7.27
N GLY B 103 -1.79 -0.99 8.26
CA GLY B 103 -1.18 -2.29 8.01
C GLY B 103 -2.16 -3.26 7.37
N GLU B 104 -3.38 -3.27 7.88
CA GLU B 104 -4.41 -4.16 7.31
C GLU B 104 -4.78 -3.75 5.88
N ARG B 105 -4.73 -2.46 5.57
CA ARG B 105 -4.98 -2.05 4.19
CA ARG B 105 -4.97 -2.04 4.18
C ARG B 105 -3.89 -2.58 3.25
N GLU B 106 -2.65 -2.62 3.73
CA GLU B 106 -1.59 -3.18 2.92
C GLU B 106 -1.84 -4.67 2.71
N ARG B 107 -2.41 -5.33 3.71
CA ARG B 107 -2.76 -6.75 3.57
C ARG B 107 -3.83 -6.97 2.50
N ILE B 108 -4.77 -6.04 2.38
CA ILE B 108 -5.76 -6.13 1.31
C ILE B 108 -5.05 -6.13 -0.05
N ARG B 109 -4.08 -5.24 -0.20
CA ARG B 109 -3.30 -5.20 -1.43
C ARG B 109 -2.56 -6.50 -1.64
N ALA B 110 -1.93 -7.00 -0.59
CA ALA B 110 -1.20 -8.25 -0.66
C ALA B 110 -2.10 -9.40 -1.12
N MET B 111 -3.33 -9.45 -0.61
CA MET B 111 -4.23 -10.51 -1.00
CA MET B 111 -4.29 -10.48 -1.00
C MET B 111 -4.64 -10.36 -2.48
N ALA B 112 -4.82 -9.12 -2.93
CA ALA B 112 -5.13 -8.88 -4.34
C ALA B 112 -4.01 -9.38 -5.24
N GLU B 113 -2.76 -9.12 -4.82
CA GLU B 113 -1.60 -9.55 -5.58
C GLU B 113 -1.52 -11.07 -5.64
N LEU B 114 -1.85 -11.72 -4.53
CA LEU B 114 -1.87 -13.18 -4.48
C LEU B 114 -2.97 -13.74 -5.37
N GLN B 115 -4.10 -13.04 -5.44
CA GLN B 115 -5.19 -13.48 -6.29
C GLN B 115 -4.75 -13.43 -7.75
N ASP B 116 -4.01 -12.40 -8.13
CA ASP B 116 -3.49 -12.30 -9.48
C ASP B 116 -2.51 -13.44 -9.76
N LEU B 117 -1.72 -13.80 -8.75
CA LEU B 117 -0.79 -14.92 -8.91
C LEU B 117 -1.54 -16.23 -9.09
N ALA B 118 -2.66 -16.39 -8.40
CA ALA B 118 -3.44 -17.62 -8.53
C ALA B 118 -3.92 -17.73 -9.97
N ASP B 119 -4.26 -16.61 -10.58
CA ASP B 119 -4.69 -16.60 -11.98
C ASP B 119 -3.57 -17.05 -12.92
N VAL B 120 -2.34 -16.64 -12.62
CA VAL B 120 -1.18 -17.09 -13.40
C VAL B 120 -1.07 -18.59 -13.31
N GLY B 121 -1.21 -19.12 -12.10
CA GLY B 121 -1.11 -20.55 -11.89
C GLY B 121 -2.21 -21.31 -12.61
N LEU B 122 -3.43 -20.77 -12.59
CA LEU B 122 -4.56 -21.42 -13.24
C LEU B 122 -4.35 -21.49 -14.73
N ARG B 123 -3.77 -20.44 -15.30
CA ARG B 123 -3.53 -20.43 -16.74
C ARG B 123 -2.45 -21.45 -17.09
N ALA B 124 -1.43 -21.54 -16.25
CA ALA B 124 -0.35 -22.50 -16.46
C ALA B 124 -0.85 -23.94 -16.38
N LEU B 125 -1.95 -24.16 -15.67
CA LEU B 125 -2.54 -25.50 -15.57
C LEU B 125 -3.73 -25.68 -16.52
N GLY B 126 -3.85 -24.80 -17.51
CA GLY B 126 -4.97 -24.86 -18.43
C GLY B 126 -5.17 -26.20 -19.12
N ASP B 127 -4.08 -26.89 -19.44
CA ASP B 127 -4.16 -28.18 -20.13
C ASP B 127 -4.08 -29.39 -19.20
N ALA B 128 -4.16 -29.13 -17.90
CA ALA B 128 -4.19 -30.20 -16.90
C ALA B 128 -5.63 -30.54 -16.58
N PRO B 129 -5.86 -31.71 -15.99
CA PRO B 129 -7.21 -32.07 -15.51
C PRO B 129 -7.68 -31.03 -14.51
N PRO B 130 -8.96 -30.66 -14.57
CA PRO B 130 -9.43 -29.62 -13.66
C PRO B 130 -9.25 -29.94 -12.18
N GLN B 131 -9.19 -31.21 -11.80
CA GLN B 131 -8.93 -31.59 -10.40
C GLN B 131 -7.60 -31.02 -9.91
N ARG B 132 -6.62 -30.91 -10.79
CA ARG B 132 -5.29 -30.47 -10.40
C ARG B 132 -5.31 -28.99 -10.01
N SER B 133 -6.27 -28.25 -10.55
CA SER B 133 -6.38 -26.81 -10.30
C SER B 133 -7.27 -26.45 -9.11
N ARG B 134 -7.82 -27.46 -8.43
CA ARG B 134 -8.69 -27.22 -7.30
C ARG B 134 -8.05 -26.34 -6.22
N ARG B 135 -6.79 -26.63 -5.87
CA ARG B 135 -6.11 -25.85 -4.84
C ARG B 135 -6.02 -24.36 -5.20
N LEU B 136 -5.68 -24.07 -6.46
CA LEU B 136 -5.59 -22.68 -6.91
C LEU B 136 -6.95 -22.00 -6.92
N ARG B 137 -7.98 -22.73 -7.34
CA ARG B 137 -9.33 -22.15 -7.35
C ARG B 137 -9.76 -21.79 -5.94
N GLU B 138 -9.46 -22.66 -4.98
CA GLU B 138 -9.79 -22.42 -3.58
C GLU B 138 -9.04 -21.20 -3.04
N MET B 139 -7.76 -21.10 -3.39
CA MET B 139 -6.94 -19.93 -3.03
C MET B 139 -7.56 -18.66 -3.56
N ARG B 140 -7.81 -18.65 -4.87
CA ARG B 140 -8.39 -17.49 -5.55
C ARG B 140 -9.70 -17.04 -4.91
N ASP B 141 -10.59 -18.01 -4.67
CA ASP B 141 -11.92 -17.72 -4.15
C ASP B 141 -11.88 -17.22 -2.71
N LEU B 142 -11.04 -17.83 -1.87
CA LEU B 142 -10.91 -17.38 -0.48
C LEU B 142 -10.35 -15.96 -0.43
N LEU B 143 -9.32 -15.70 -1.22
CA LEU B 143 -8.72 -14.36 -1.23
C LEU B 143 -9.70 -13.29 -1.70
N ALA B 144 -10.43 -13.57 -2.78
CA ALA B 144 -11.43 -12.62 -3.28
C ALA B 144 -12.45 -12.30 -2.18
N TYR B 145 -12.91 -13.32 -1.49
CA TYR B 145 -13.91 -13.15 -0.45
C TYR B 145 -13.34 -12.34 0.72
N MET B 146 -12.13 -12.68 1.16
CA MET B 146 -11.54 -12.00 2.32
C MET B 146 -11.17 -10.56 2.01
N GLU B 147 -10.75 -10.30 0.78
CA GLU B 147 -10.45 -8.93 0.38
C GLU B 147 -11.69 -8.05 0.57
N ASN B 148 -12.84 -8.56 0.14
CA ASN B 148 -14.09 -7.82 0.25
CA ASN B 148 -14.08 -7.82 0.25
C ASN B 148 -14.49 -7.67 1.71
N VAL B 149 -14.37 -8.75 2.47
CA VAL B 149 -14.71 -8.74 3.88
C VAL B 149 -13.90 -7.68 4.63
N VAL B 150 -12.59 -7.72 4.46
CA VAL B 150 -11.66 -6.84 5.15
C VAL B 150 -11.83 -5.39 4.70
N SER B 151 -12.00 -5.21 3.39
CA SER B 151 -12.22 -3.86 2.87
C SER B 151 -13.45 -3.23 3.51
N ASP B 152 -14.55 -3.98 3.52
CA ASP B 152 -15.80 -3.50 4.11
C ASP B 152 -15.62 -3.20 5.59
N ALA B 153 -14.90 -4.09 6.27
CA ALA B 153 -14.72 -3.97 7.71
C ALA B 153 -13.89 -2.74 8.07
N LEU B 154 -12.86 -2.45 7.30
CA LEU B 154 -12.02 -1.29 7.61
C LEU B 154 -12.79 0.01 7.31
N GLY B 155 -13.63 -0.02 6.30
CA GLY B 155 -14.49 1.11 6.02
C GLY B 155 -15.37 1.40 7.22
N ARG B 156 -16.00 0.36 7.75
CA ARG B 156 -16.89 0.48 8.90
C ARG B 156 -16.11 0.88 10.15
N TYR B 157 -14.88 0.40 10.27
CA TYR B 157 -14.06 0.71 11.43
C TYR B 157 -13.78 2.20 11.54
N SER B 158 -13.51 2.83 10.39
CA SER B 158 -13.21 4.26 10.33
C SER B 158 -14.32 5.13 10.90
N GLN B 159 -15.57 4.70 10.72
CA GLN B 159 -16.69 5.34 11.38
C GLN B 159 -16.36 5.43 12.86
N ARG B 160 -16.17 4.26 13.48
CA ARG B 160 -15.50 4.14 14.77
C ARG B 160 -15.84 2.84 15.48
N THR B 161 -14.87 2.34 16.26
CA THR B 161 -15.15 1.32 17.26
C THR B 161 -14.37 1.61 18.53
N PRO C 14 7.54 5.10 -33.73
CA PRO C 14 7.46 6.55 -33.96
C PRO C 14 6.15 7.14 -33.41
N ASP C 15 5.02 6.61 -33.85
CA ASP C 15 3.75 6.99 -33.24
C ASP C 15 3.72 6.46 -31.80
N ILE C 16 4.31 5.29 -31.57
CA ILE C 16 4.37 4.76 -30.21
C ILE C 16 5.18 5.70 -29.34
N MET C 17 6.30 6.17 -29.87
CA MET C 17 7.16 7.05 -29.10
C MET C 17 6.42 8.34 -28.72
N GLU C 18 5.58 8.85 -29.61
CA GLU C 18 4.79 10.04 -29.32
C GLU C 18 3.87 9.80 -28.12
N PHE C 19 3.20 8.65 -28.13
CA PHE C 19 2.33 8.27 -27.01
C PHE C 19 3.13 8.27 -25.70
N VAL C 20 4.27 7.60 -25.73
CA VAL C 20 5.12 7.54 -24.54
C VAL C 20 5.50 8.94 -24.03
N GLU C 21 5.88 9.84 -24.92
CA GLU C 21 6.26 11.19 -24.51
C GLU C 21 5.06 11.94 -23.93
N GLN C 22 3.88 11.75 -24.53
CA GLN C 22 2.67 12.41 -24.03
C GLN C 22 2.31 11.92 -22.63
N MET C 23 2.53 10.63 -22.37
CA MET C 23 2.36 10.11 -21.02
C MET C 23 3.35 10.75 -20.06
N GLY C 24 4.58 10.97 -20.52
CA GLY C 24 5.54 11.74 -19.74
C GLY C 24 5.02 13.12 -19.40
N GLY C 25 4.48 13.81 -20.40
CA GLY C 25 3.98 15.16 -20.23
C GLY C 25 2.81 15.20 -19.28
N TYR C 26 1.96 14.18 -19.33
CA TYR C 26 0.80 14.09 -18.44
C TYR C 26 1.26 14.01 -17.00
N PHE C 27 2.27 13.18 -16.74
CA PHE C 27 2.80 13.10 -15.39
C PHE C 27 3.43 14.42 -14.99
N GLU C 28 4.21 14.99 -15.89
CA GLU C 28 5.03 16.15 -15.54
C GLU C 28 4.16 17.37 -15.28
N SER C 29 3.06 17.49 -16.02
CA SER C 29 2.19 18.64 -15.82
C SER C 29 1.61 18.61 -14.41
N ARG C 30 1.63 17.42 -13.81
CA ARG C 30 1.04 17.20 -12.49
C ARG C 30 2.05 17.00 -11.37
N SER C 31 3.25 17.56 -11.53
CA SER C 31 4.24 17.58 -10.47
C SER C 31 4.83 16.20 -10.20
N LEU C 32 4.50 15.21 -11.04
CA LEU C 32 5.13 13.91 -10.99
C LEU C 32 6.28 13.89 -12.01
N THR C 33 7.14 12.88 -11.94
CA THR C 33 8.31 12.86 -12.82
C THR C 33 7.96 12.42 -14.23
N ARG C 34 8.59 13.05 -15.20
CA ARG C 34 8.42 12.74 -16.57
C ARG C 34 8.71 11.26 -16.83
N LEU C 35 9.78 10.78 -16.24
CA LEU C 35 10.22 9.40 -16.51
C LEU C 35 9.21 8.37 -16.01
N ALA C 36 8.55 8.65 -14.89
CA ALA C 36 7.52 7.75 -14.39
C ALA C 36 6.40 7.63 -15.42
N GLY C 37 6.02 8.76 -16.00
CA GLY C 37 4.99 8.75 -17.02
C GLY C 37 5.41 8.01 -18.28
N ARG C 38 6.64 8.24 -18.73
CA ARG C 38 7.15 7.56 -19.90
C ARG C 38 7.24 6.05 -19.64
N LEU C 39 7.67 5.68 -18.44
CA LEU C 39 7.80 4.27 -18.09
C LEU C 39 6.43 3.58 -18.09
N LEU C 40 5.42 4.24 -17.53
CA LEU C 40 4.07 3.70 -17.54
C LEU C 40 3.58 3.55 -18.98
N GLY C 41 3.83 4.58 -19.79
CA GLY C 41 3.44 4.55 -21.19
C GLY C 41 4.07 3.37 -21.91
N TRP C 42 5.37 3.17 -21.68
CA TRP C 42 6.08 2.09 -22.31
C TRP C 42 5.50 0.73 -21.91
N LEU C 43 5.23 0.55 -20.62
CA LEU C 43 4.71 -0.73 -20.14
C LEU C 43 3.27 -0.97 -20.61
N LEU C 44 2.59 0.08 -21.04
CA LEU C 44 1.27 -0.06 -21.64
C LEU C 44 1.29 -0.58 -23.08
N VAL C 45 2.40 -0.40 -23.79
CA VAL C 45 2.43 -0.67 -25.23
C VAL C 45 3.51 -1.64 -25.67
N CYS C 46 4.47 -1.93 -24.79
CA CYS C 46 5.63 -2.73 -25.17
C CYS C 46 5.28 -4.20 -25.44
N ASP C 47 6.14 -4.87 -26.20
CA ASP C 47 5.98 -6.28 -26.51
C ASP C 47 7.37 -6.90 -26.52
N PRO C 48 7.58 -7.95 -25.70
CA PRO C 48 6.65 -8.57 -24.75
C PRO C 48 6.27 -7.61 -23.62
N GLU C 49 5.24 -7.98 -22.85
CA GLU C 49 4.77 -7.13 -21.77
C GLU C 49 5.82 -6.99 -20.68
N ARG C 50 6.51 -8.08 -20.34
CA ARG C 50 7.53 -8.00 -19.32
C ARG C 50 8.79 -7.39 -19.93
N GLN C 51 9.51 -6.62 -19.12
CA GLN C 51 10.69 -5.90 -19.54
C GLN C 51 11.73 -5.92 -18.43
N SER C 52 12.99 -6.20 -18.78
CA SER C 52 14.05 -6.19 -17.79
C SER C 52 14.41 -4.76 -17.45
N SER C 53 15.06 -4.57 -16.30
CA SER C 53 15.57 -3.26 -15.93
C SER C 53 16.40 -2.66 -17.06
N GLU C 54 17.26 -3.46 -17.67
CA GLU C 54 18.13 -2.95 -18.72
C GLU C 54 17.35 -2.63 -19.98
N GLU C 55 16.37 -3.48 -20.31
CA GLU C 55 15.51 -3.23 -21.44
C GLU C 55 14.78 -1.88 -21.28
N LEU C 56 14.32 -1.60 -20.07
CA LEU C 56 13.64 -0.33 -19.80
C LEU C 56 14.58 0.86 -19.94
N ALA C 57 15.77 0.76 -19.35
CA ALA C 57 16.72 1.84 -19.41
C ALA C 57 17.09 2.16 -20.87
N THR C 58 17.33 1.13 -21.66
CA THR C 58 17.76 1.33 -23.05
C THR C 58 16.61 1.77 -23.96
N ALA C 59 15.38 1.39 -23.64
CA ALA C 59 14.22 1.84 -24.41
C ALA C 59 13.89 3.30 -24.12
N LEU C 60 14.11 3.71 -22.87
CA LEU C 60 13.65 5.02 -22.42
C LEU C 60 14.75 6.07 -22.27
N ALA C 61 15.95 5.79 -22.75
CA ALA C 61 17.07 6.72 -22.61
C ALA C 61 17.20 7.18 -21.16
N ALA C 62 17.25 6.20 -20.25
CA ALA C 62 17.25 6.47 -18.83
C ALA C 62 18.39 5.73 -18.12
N SER C 63 18.79 6.26 -16.97
CA SER C 63 19.81 5.61 -16.15
C SER C 63 19.18 4.49 -15.36
N SER C 64 20.00 3.58 -14.86
CA SER C 64 19.50 2.50 -14.03
C SER C 64 18.83 3.04 -12.77
N GLY C 65 19.41 4.10 -12.20
CA GLY C 65 18.87 4.71 -11.01
C GLY C 65 17.50 5.29 -11.29
N GLY C 66 17.36 5.91 -12.45
CA GLY C 66 16.11 6.50 -12.86
C GLY C 66 15.04 5.44 -13.04
N ILE C 67 15.40 4.34 -13.70
CA ILE C 67 14.45 3.25 -13.84
C ILE C 67 14.05 2.68 -12.48
N SER C 68 15.01 2.44 -11.60
CA SER C 68 14.70 1.86 -10.30
C SER C 68 13.78 2.76 -9.47
N THR C 69 14.11 4.05 -9.41
CA THR C 69 13.32 4.99 -8.62
C THR C 69 11.89 5.07 -9.12
N ASN C 70 11.74 5.21 -10.43
CA ASN C 70 10.40 5.42 -10.98
C ASN C 70 9.58 4.13 -11.06
N ALA C 71 10.23 3.00 -11.27
CA ALA C 71 9.54 1.72 -11.23
C ALA C 71 8.94 1.53 -9.84
N ARG C 72 9.74 1.83 -8.81
CA ARG C 72 9.27 1.71 -7.43
C ARG C 72 8.04 2.59 -7.18
N MET C 73 8.06 3.81 -7.71
CA MET C 73 6.92 4.70 -7.57
C MET C 73 5.68 4.12 -8.25
N LEU C 74 5.86 3.55 -9.44
CA LEU C 74 4.72 2.99 -10.17
C LEU C 74 4.18 1.75 -9.49
N ILE C 75 5.04 1.01 -8.80
CA ILE C 75 4.58 -0.08 -7.96
C ILE C 75 3.75 0.47 -6.79
N GLN C 76 4.27 1.52 -6.15
CA GLN C 76 3.55 2.16 -5.05
C GLN C 76 2.17 2.59 -5.51
N PHE C 77 2.09 3.16 -6.72
CA PHE C 77 0.84 3.70 -7.26
C PHE C 77 -0.12 2.58 -7.70
N GLY C 78 0.40 1.35 -7.81
CA GLY C 78 -0.43 0.20 -8.09
C GLY C 78 -0.49 -0.22 -9.55
N PHE C 79 0.28 0.43 -10.42
CA PHE C 79 0.15 0.21 -11.86
C PHE C 79 0.99 -0.94 -12.39
N ILE C 80 2.16 -1.15 -11.80
CA ILE C 80 3.07 -2.17 -12.30
C ILE C 80 3.54 -3.07 -11.19
N GLU C 81 4.18 -4.17 -11.56
CA GLU C 81 4.69 -5.13 -10.60
C GLU C 81 6.11 -5.55 -10.94
N ARG C 82 6.87 -5.90 -9.91
CA ARG C 82 8.14 -6.55 -10.07
C ARG C 82 7.85 -8.00 -10.45
N LEU C 83 8.68 -8.57 -11.32
CA LEU C 83 8.44 -9.90 -11.85
C LEU C 83 9.72 -10.71 -11.72
N ALA C 84 9.61 -11.92 -11.17
CA ALA C 84 10.72 -12.85 -11.18
C ALA C 84 10.52 -13.81 -12.33
N VAL C 85 11.59 -14.05 -13.09
CA VAL C 85 11.54 -14.91 -14.26
C VAL C 85 12.40 -16.15 -14.00
N ALA C 86 11.86 -17.31 -14.31
CA ALA C 86 12.54 -18.57 -14.03
C ALA C 86 13.92 -18.66 -14.70
N GLY C 87 14.92 -18.98 -13.89
CA GLY C 87 16.27 -19.22 -14.38
C GLY C 87 16.98 -17.97 -14.88
N ASP C 88 16.43 -16.81 -14.52
CA ASP C 88 16.94 -15.54 -14.98
C ASP C 88 17.19 -14.64 -13.78
N ARG C 89 18.38 -14.05 -13.70
CA ARG C 89 18.79 -13.29 -12.52
C ARG C 89 18.34 -11.82 -12.62
N ARG C 90 17.92 -11.41 -13.80
CA ARG C 90 17.54 -10.03 -14.03
C ARG C 90 16.25 -9.65 -13.32
N THR C 91 16.15 -8.38 -12.94
CA THR C 91 14.92 -7.81 -12.43
C THR C 91 14.04 -7.44 -13.62
N TYR C 92 12.77 -7.86 -13.57
CA TYR C 92 11.80 -7.53 -14.60
C TYR C 92 10.63 -6.77 -13.99
N PHE C 93 9.98 -5.96 -14.82
CA PHE C 93 8.72 -5.32 -14.45
C PHE C 93 7.68 -5.59 -15.51
N ARG C 94 6.42 -5.44 -15.14
CA ARG C 94 5.32 -5.60 -16.09
C ARG C 94 4.12 -4.84 -15.56
N LEU C 95 3.30 -4.33 -16.48
CA LEU C 95 2.03 -3.74 -16.08
C LEU C 95 1.20 -4.77 -15.33
N ARG C 96 0.58 -4.35 -14.23
CA ARG C 96 -0.29 -5.26 -13.50
C ARG C 96 -1.51 -5.64 -14.35
N PRO C 97 -2.09 -6.80 -14.06
CA PRO C 97 -3.39 -7.11 -14.68
C PRO C 97 -4.41 -6.05 -14.26
N ASN C 98 -5.30 -5.68 -15.18
CA ASN C 98 -6.28 -4.64 -14.90
C ASN C 98 -5.65 -3.49 -14.15
N ALA C 99 -4.60 -2.92 -14.75
CA ALA C 99 -3.72 -2.00 -14.06
C ALA C 99 -4.39 -0.75 -13.50
N PHE C 100 -5.32 -0.17 -14.24
CA PHE C 100 -5.94 1.07 -13.79
C PHE C 100 -6.98 0.80 -12.70
N ALA C 101 -7.56 -0.39 -12.68
CA ALA C 101 -8.37 -0.80 -11.54
C ALA C 101 -7.48 -0.94 -10.31
N ALA C 102 -6.30 -1.53 -10.49
CA ALA C 102 -5.36 -1.66 -9.37
C ALA C 102 -4.91 -0.30 -8.88
N GLY C 103 -4.74 0.64 -9.81
CA GLY C 103 -4.39 1.99 -9.45
C GLY C 103 -5.49 2.65 -8.64
N GLU C 104 -6.74 2.38 -9.00
CA GLU C 104 -7.87 2.94 -8.26
C GLU C 104 -7.96 2.34 -6.86
N ARG C 105 -7.62 1.06 -6.73
CA ARG C 105 -7.60 0.44 -5.40
C ARG C 105 -6.59 1.13 -4.52
N GLU C 106 -5.43 1.50 -5.07
N GLU C 106 -5.45 1.49 -5.09
CA GLU C 106 -4.45 2.21 -4.26
CA GLU C 106 -4.43 2.20 -4.36
C GLU C 106 -4.91 3.63 -3.97
C GLU C 106 -4.93 3.59 -3.98
N ARG C 107 -5.71 4.22 -4.85
CA ARG C 107 -6.30 5.52 -4.57
CA ARG C 107 -6.28 5.52 -4.55
C ARG C 107 -7.23 5.43 -3.36
N ILE C 108 -7.97 4.34 -3.27
CA ILE C 108 -8.84 4.14 -2.11
C ILE C 108 -7.98 4.11 -0.84
N ARG C 109 -6.87 3.39 -0.90
CA ARG C 109 -5.96 3.32 0.24
C ARG C 109 -5.36 4.69 0.57
N ALA C 110 -5.01 5.46 -0.46
CA ALA C 110 -4.49 6.80 -0.26
C ALA C 110 -5.54 7.70 0.40
N MET C 111 -6.78 7.57 -0.04
N MET C 111 -6.79 7.55 -0.03
CA MET C 111 -7.86 8.32 0.57
CA MET C 111 -7.88 8.32 0.57
C MET C 111 -7.98 7.96 2.04
C MET C 111 -8.08 7.95 2.02
N ALA C 112 -7.93 6.67 2.34
CA ALA C 112 -8.02 6.21 3.73
C ALA C 112 -6.92 6.80 4.59
N GLU C 113 -5.72 6.91 4.01
CA GLU C 113 -4.59 7.52 4.71
C GLU C 113 -4.86 8.99 4.99
N LEU C 114 -5.37 9.71 4.00
CA LEU C 114 -5.73 11.12 4.19
C LEU C 114 -6.85 11.27 5.22
N GLN C 115 -7.80 10.36 5.21
CA GLN C 115 -8.89 10.40 6.19
C GLN C 115 -8.31 10.23 7.61
N ASP C 116 -7.33 9.33 7.74
CA ASP C 116 -6.65 9.16 9.02
C ASP C 116 -5.98 10.46 9.46
N LEU C 117 -5.40 11.18 8.51
CA LEU C 117 -4.74 12.44 8.82
C LEU C 117 -5.75 13.50 9.21
N ALA C 118 -6.89 13.52 8.53
CA ALA C 118 -7.95 14.45 8.89
C ALA C 118 -8.34 14.27 10.35
N ASP C 119 -8.45 13.01 10.78
CA ASP C 119 -8.74 12.72 12.18
C ASP C 119 -7.67 13.26 13.13
N VAL C 120 -6.41 13.21 12.72
CA VAL C 120 -5.31 13.76 13.51
C VAL C 120 -5.49 15.27 13.64
N GLY C 121 -5.80 15.92 12.54
CA GLY C 121 -6.09 17.34 12.53
C GLY C 121 -7.25 17.72 13.42
N LEU C 122 -8.30 16.91 13.38
CA LEU C 122 -9.50 17.17 14.18
C LEU C 122 -9.18 17.08 15.66
N ARG C 123 -8.31 16.15 16.02
CA ARG C 123 -7.90 16.02 17.42
C ARG C 123 -7.09 17.23 17.84
N ALA C 124 -6.19 17.68 16.96
CA ALA C 124 -5.36 18.84 17.24
C ALA C 124 -6.19 20.10 17.47
N LEU C 125 -7.36 20.17 16.84
CA LEU C 125 -8.26 21.32 16.97
C LEU C 125 -9.39 21.05 17.98
N GLY C 126 -9.23 19.99 18.77
CA GLY C 126 -10.27 19.57 19.69
C GLY C 126 -10.69 20.60 20.73
N ASP C 127 -9.77 21.49 21.09
CA ASP C 127 -10.05 22.54 22.06
C ASP C 127 -10.56 23.83 21.42
N ALA C 128 -10.56 23.88 20.09
CA ALA C 128 -11.02 25.07 19.38
C ALA C 128 -12.51 24.98 19.05
N PRO C 129 -13.12 26.13 18.70
CA PRO C 129 -14.54 26.11 18.36
C PRO C 129 -14.80 25.19 17.17
N PRO C 130 -15.98 24.56 17.12
CA PRO C 130 -16.31 23.62 16.04
C PRO C 130 -16.14 24.22 14.65
N GLN C 131 -16.39 25.52 14.51
CA GLN C 131 -16.34 26.15 13.20
C GLN C 131 -14.95 25.98 12.58
N ARG C 132 -13.91 26.02 13.41
CA ARG C 132 -12.55 25.99 12.91
C ARG C 132 -12.26 24.63 12.28
N SER C 133 -13.00 23.61 12.70
CA SER C 133 -12.81 22.23 12.24
C SER C 133 -13.66 21.87 11.04
N ARG C 134 -14.47 22.80 10.54
CA ARG C 134 -15.37 22.50 9.43
C ARG C 134 -14.61 21.97 8.20
N ARG C 135 -13.50 22.60 7.84
CA ARG C 135 -12.74 22.16 6.68
C ARG C 135 -12.31 20.70 6.82
N LEU C 136 -11.82 20.32 7.99
CA LEU C 136 -11.35 18.96 8.20
C LEU C 136 -12.50 17.96 8.23
N ARG C 137 -13.63 18.37 8.80
CA ARG C 137 -14.80 17.49 8.82
C ARG C 137 -15.27 17.21 7.39
N GLU C 138 -15.29 18.25 6.56
CA GLU C 138 -15.69 18.11 5.16
C GLU C 138 -14.75 17.15 4.45
N MET C 139 -13.46 17.31 4.69
CA MET C 139 -12.42 16.45 4.11
C MET C 139 -12.65 15.00 4.54
N ARG C 140 -12.74 14.78 5.85
CA ARG C 140 -12.97 13.45 6.39
C ARG C 140 -14.20 12.78 5.78
N ASP C 141 -15.31 13.52 5.75
CA ASP C 141 -16.58 12.95 5.31
C ASP C 141 -16.59 12.61 3.82
N LEU C 142 -16.00 13.48 3.02
CA LEU C 142 -15.98 13.26 1.57
C LEU C 142 -15.13 12.02 1.27
N LEU C 143 -13.97 11.93 1.93
CA LEU C 143 -13.07 10.80 1.71
C LEU C 143 -13.73 9.48 2.08
N ALA C 144 -14.36 9.42 3.26
CA ALA C 144 -15.04 8.21 3.69
C ALA C 144 -16.13 7.79 2.70
N TYR C 145 -16.88 8.78 2.22
CA TYR C 145 -17.93 8.55 1.23
C TYR C 145 -17.36 8.00 -0.07
N MET C 146 -16.33 8.67 -0.59
CA MET C 146 -15.76 8.28 -1.88
C MET C 146 -15.03 6.93 -1.80
N GLU C 147 -14.38 6.65 -0.68
CA GLU C 147 -13.75 5.35 -0.53
C GLU C 147 -14.78 4.24 -0.73
N ASN C 148 -15.93 4.41 -0.10
CA ASN C 148 -16.95 3.37 -0.17
C ASN C 148 -17.57 3.29 -1.56
N VAL C 149 -17.84 4.45 -2.16
CA VAL C 149 -18.39 4.50 -3.51
C VAL C 149 -17.45 3.82 -4.51
N VAL C 150 -16.17 4.13 -4.43
CA VAL C 150 -15.24 3.61 -5.40
C VAL C 150 -15.01 2.13 -5.18
N SER C 151 -14.93 1.71 -3.92
CA SER C 151 -14.74 0.29 -3.62
C SER C 151 -15.90 -0.53 -4.20
N ASP C 152 -17.12 -0.06 -3.97
CA ASP C 152 -18.29 -0.77 -4.45
C ASP C 152 -18.29 -0.83 -5.97
N ALA C 153 -17.94 0.29 -6.59
CA ALA C 153 -17.93 0.38 -8.05
C ALA C 153 -16.90 -0.56 -8.69
N LEU C 154 -15.72 -0.67 -8.07
CA LEU C 154 -14.69 -1.54 -8.62
C LEU C 154 -15.14 -2.99 -8.51
N GLY C 155 -15.85 -3.31 -7.43
CA GLY C 155 -16.42 -4.64 -7.25
C GLY C 155 -17.41 -4.98 -8.35
N ARG C 156 -18.31 -4.05 -8.64
CA ARG C 156 -19.29 -4.24 -9.70
C ARG C 156 -18.58 -4.39 -11.04
N TYR C 157 -17.52 -3.61 -11.23
CA TYR C 157 -16.80 -3.61 -12.50
C TYR C 157 -16.06 -4.93 -12.74
N SER C 158 -15.39 -5.44 -11.70
CA SER C 158 -14.62 -6.67 -11.85
C SER C 158 -15.53 -7.83 -12.21
N GLN C 159 -16.83 -7.67 -11.93
CA GLN C 159 -17.83 -8.63 -12.36
C GLN C 159 -18.43 -8.20 -13.71
N ARG C 160 -17.55 -7.90 -14.67
CA ARG C 160 -17.96 -7.59 -16.03
C ARG C 160 -17.20 -8.48 -17.01
N PRO D 14 2.69 22.88 17.53
CA PRO D 14 2.40 21.86 18.54
C PRO D 14 1.81 20.62 17.86
N ASP D 15 0.68 20.12 18.33
CA ASP D 15 0.01 19.03 17.61
C ASP D 15 -0.39 19.53 16.22
N ILE D 16 -0.70 20.83 16.12
CA ILE D 16 -1.08 21.40 14.82
C ILE D 16 0.05 21.30 13.82
N MET D 17 1.27 21.66 14.21
CA MET D 17 2.36 21.63 13.26
C MET D 17 2.80 20.20 12.96
N GLU D 18 2.49 19.27 13.85
CA GLU D 18 2.76 17.87 13.58
C GLU D 18 1.81 17.36 12.49
N PHE D 19 0.55 17.81 12.55
CA PHE D 19 -0.39 17.49 11.48
C PHE D 19 0.09 18.07 10.16
N VAL D 20 0.48 19.34 10.17
CA VAL D 20 1.00 19.98 8.96
C VAL D 20 2.21 19.22 8.43
N GLU D 21 3.06 18.75 9.34
CA GLU D 21 4.26 18.02 8.96
C GLU D 21 3.89 16.73 8.23
N GLN D 22 2.89 16.04 8.75
CA GLN D 22 2.47 14.77 8.16
C GLN D 22 1.80 14.96 6.81
N MET D 23 1.08 16.06 6.63
CA MET D 23 0.54 16.38 5.31
C MET D 23 1.68 16.55 4.32
N GLY D 24 2.77 17.16 4.77
CA GLY D 24 3.95 17.31 3.95
C GLY D 24 4.51 15.94 3.54
N GLY D 25 4.59 15.03 4.49
CA GLY D 25 5.10 13.69 4.22
C GLY D 25 4.20 12.95 3.24
N TYR D 26 2.90 13.08 3.43
CA TYR D 26 1.94 12.45 2.53
C TYR D 26 2.23 12.81 1.09
N PHE D 27 2.42 14.10 0.83
CA PHE D 27 2.77 14.57 -0.50
C PHE D 27 4.15 14.06 -0.91
N GLU D 28 5.12 14.17 -0.02
CA GLU D 28 6.51 13.83 -0.36
C GLU D 28 6.63 12.35 -0.72
N SER D 29 5.91 11.50 0.00
CA SER D 29 6.00 10.07 -0.24
C SER D 29 5.40 9.69 -1.60
N ARG D 30 4.73 10.64 -2.25
CA ARG D 30 4.12 10.37 -3.55
C ARG D 30 4.76 11.16 -4.67
N SER D 31 5.98 11.61 -4.43
CA SER D 31 6.76 12.31 -5.46
C SER D 31 6.28 13.74 -5.66
N LEU D 32 5.35 14.19 -4.80
CA LEU D 32 4.93 15.59 -4.78
C LEU D 32 5.77 16.37 -3.78
N THR D 33 5.65 17.69 -3.78
CA THR D 33 6.49 18.51 -2.92
C THR D 33 6.00 18.52 -1.48
N ARG D 34 6.95 18.46 -0.55
CA ARG D 34 6.65 18.57 0.85
C ARG D 34 5.90 19.88 1.11
N LEU D 35 6.37 20.96 0.49
CA LEU D 35 5.82 22.28 0.77
C LEU D 35 4.35 22.39 0.34
N ALA D 36 4.02 21.80 -0.80
CA ALA D 36 2.62 21.80 -1.24
C ALA D 36 1.75 21.09 -0.20
N GLY D 37 2.24 19.97 0.32
CA GLY D 37 1.54 19.23 1.36
C GLY D 37 1.37 20.03 2.63
N ARG D 38 2.44 20.69 3.08
CA ARG D 38 2.37 21.48 4.30
C ARG D 38 1.45 22.68 4.10
N LEU D 39 1.47 23.23 2.89
CA LEU D 39 0.59 24.35 2.56
C LEU D 39 -0.86 23.92 2.61
N LEU D 40 -1.17 22.78 2.01
CA LEU D 40 -2.53 22.26 2.07
C LEU D 40 -2.92 22.02 3.53
N GLY D 41 -2.01 21.42 4.28
CA GLY D 41 -2.23 21.16 5.70
C GLY D 41 -2.53 22.43 6.48
N TRP D 42 -1.68 23.44 6.30
CA TRP D 42 -1.86 24.70 6.99
C TRP D 42 -3.21 25.31 6.67
N LEU D 43 -3.58 25.27 5.39
CA LEU D 43 -4.86 25.87 4.95
C LEU D 43 -6.08 25.09 5.44
N LEU D 44 -5.87 23.86 5.90
CA LEU D 44 -6.94 23.08 6.53
C LEU D 44 -7.20 23.46 7.99
N VAL D 45 -6.22 24.04 8.67
CA VAL D 45 -6.33 24.25 10.12
C VAL D 45 -6.13 25.71 10.57
N CYS D 46 -5.62 26.57 9.70
CA CYS D 46 -5.30 27.94 10.08
C CYS D 46 -6.53 28.78 10.43
N ASP D 47 -6.29 29.82 11.22
CA ASP D 47 -7.32 30.77 11.62
C ASP D 47 -6.75 32.18 11.56
N PRO D 48 -7.38 33.06 10.76
CA PRO D 48 -8.54 32.84 9.89
C PRO D 48 -8.23 31.90 8.73
N GLU D 49 -9.26 31.48 8.01
CA GLU D 49 -9.07 30.55 6.90
C GLU D 49 -8.22 31.14 5.78
N ARG D 50 -8.45 32.41 5.46
CA ARG D 50 -7.67 33.03 4.39
C ARG D 50 -6.31 33.46 4.93
N GLN D 51 -5.31 33.37 4.07
CA GLN D 51 -3.94 33.66 4.44
C GLN D 51 -3.27 34.41 3.31
N SER D 52 -2.55 35.48 3.65
CA SER D 52 -1.80 36.21 2.64
C SER D 52 -0.54 35.45 2.25
N SER D 53 0.03 35.82 1.12
CA SER D 53 1.28 35.21 0.66
C SER D 53 2.34 35.31 1.74
N GLU D 54 2.42 36.46 2.39
CA GLU D 54 3.46 36.69 3.39
C GLU D 54 3.19 35.87 4.66
N GLU D 55 1.92 35.74 5.02
CA GLU D 55 1.54 34.93 6.17
C GLU D 55 1.92 33.47 5.95
N LEU D 56 1.72 32.97 4.74
CA LEU D 56 2.06 31.59 4.41
C LEU D 56 3.56 31.38 4.44
N ALA D 57 4.32 32.31 3.87
CA ALA D 57 5.77 32.23 3.89
C ALA D 57 6.30 32.17 5.32
N THR D 58 5.75 33.02 6.18
CA THR D 58 6.19 33.06 7.57
C THR D 58 5.80 31.77 8.29
N ALA D 59 4.54 31.39 8.17
CA ALA D 59 4.02 30.20 8.84
C ALA D 59 4.84 28.97 8.48
N LEU D 60 5.20 28.86 7.21
CA LEU D 60 5.83 27.65 6.69
C LEU D 60 7.35 27.77 6.54
N ALA D 61 7.90 28.89 6.96
CA ALA D 61 9.35 29.12 6.86
C ALA D 61 9.80 28.88 5.42
N ALA D 62 9.06 29.47 4.48
CA ALA D 62 9.28 29.22 3.06
C ALA D 62 9.53 30.50 2.29
N SER D 63 10.19 30.38 1.15
CA SER D 63 10.41 31.52 0.27
C SER D 63 9.10 31.91 -0.39
N SER D 64 9.03 33.16 -0.85
CA SER D 64 7.86 33.62 -1.60
C SER D 64 7.71 32.83 -2.90
N GLY D 65 8.83 32.42 -3.49
CA GLY D 65 8.79 31.64 -4.71
C GLY D 65 8.18 30.28 -4.44
N GLY D 66 8.62 29.65 -3.35
CA GLY D 66 8.06 28.39 -2.89
C GLY D 66 6.56 28.48 -2.66
N ILE D 67 6.13 29.54 -2.00
CA ILE D 67 4.70 29.74 -1.76
C ILE D 67 3.94 29.87 -3.07
N SER D 68 4.46 30.67 -3.98
CA SER D 68 3.77 30.94 -5.24
C SER D 68 3.61 29.70 -6.11
N THR D 69 4.69 28.94 -6.25
CA THR D 69 4.72 27.74 -7.09
CA THR D 69 4.65 27.78 -7.13
C THR D 69 3.77 26.67 -6.57
N ASN D 70 3.79 26.47 -5.26
CA ASN D 70 2.98 25.42 -4.67
C ASN D 70 1.51 25.82 -4.52
N ALA D 71 1.27 27.11 -4.31
CA ALA D 71 -0.11 27.60 -4.32
C ALA D 71 -0.73 27.37 -5.70
N ARG D 72 0.05 27.65 -6.74
CA ARG D 72 -0.39 27.47 -8.11
C ARG D 72 -0.78 26.01 -8.36
N MET D 73 0.04 25.10 -7.83
CA MET D 73 -0.20 23.68 -7.99
CA MET D 73 -0.19 23.68 -7.99
C MET D 73 -1.49 23.28 -7.30
N LEU D 74 -1.69 23.75 -6.07
CA LEU D 74 -2.91 23.43 -5.34
C LEU D 74 -4.17 24.02 -5.98
N ILE D 75 -4.03 25.17 -6.63
CA ILE D 75 -5.14 25.72 -7.39
C ILE D 75 -5.46 24.81 -8.59
N GLN D 76 -4.42 24.38 -9.29
CA GLN D 76 -4.55 23.45 -10.41
C GLN D 76 -5.28 22.17 -10.02
N PHE D 77 -4.94 21.64 -8.85
CA PHE D 77 -5.53 20.40 -8.37
C PHE D 77 -6.93 20.57 -7.82
N GLY D 78 -7.36 21.82 -7.62
CA GLY D 78 -8.73 22.12 -7.24
C GLY D 78 -8.98 22.39 -5.76
N PHE D 79 -7.93 22.40 -4.96
CA PHE D 79 -8.09 22.45 -3.50
C PHE D 79 -8.22 23.84 -2.92
N ILE D 80 -7.48 24.79 -3.46
CA ILE D 80 -7.47 26.15 -2.91
C ILE D 80 -7.79 27.18 -3.98
N GLU D 81 -7.99 28.42 -3.55
CA GLU D 81 -8.29 29.49 -4.47
C GLU D 81 -7.63 30.80 -4.04
N ARG D 82 -7.35 31.62 -5.04
CA ARG D 82 -6.86 32.97 -4.81
C ARG D 82 -8.07 33.88 -4.61
N LEU D 83 -7.92 34.84 -3.71
CA LEU D 83 -9.00 35.80 -3.46
C LEU D 83 -8.41 37.15 -3.13
N ALA D 84 -9.20 38.19 -3.34
CA ALA D 84 -8.82 39.53 -3.00
C ALA D 84 -9.67 40.00 -1.82
N VAL D 85 -9.05 40.79 -0.95
CA VAL D 85 -9.75 41.34 0.21
C VAL D 85 -9.93 42.84 -0.02
N ALA D 86 -11.15 43.34 0.17
CA ALA D 86 -11.40 44.75 -0.05
C ALA D 86 -10.45 45.64 0.78
N GLY D 87 -9.92 46.69 0.16
CA GLY D 87 -9.04 47.64 0.82
C GLY D 87 -7.60 47.20 1.05
N ASP D 88 -7.23 46.05 0.48
CA ASP D 88 -5.93 45.42 0.72
C ASP D 88 -5.36 44.97 -0.61
N ARG D 89 -4.10 45.28 -0.89
CA ARG D 89 -3.50 44.93 -2.18
C ARG D 89 -2.77 43.58 -2.17
N ARG D 90 -2.71 42.95 -1.01
CA ARG D 90 -2.02 41.68 -0.88
C ARG D 90 -2.75 40.54 -1.56
N THR D 91 -2.00 39.50 -1.91
CA THR D 91 -2.55 38.28 -2.46
C THR D 91 -2.96 37.37 -1.32
N TYR D 92 -4.16 36.80 -1.41
CA TYR D 92 -4.63 35.85 -0.41
C TYR D 92 -5.03 34.53 -1.04
N PHE D 93 -4.95 33.49 -0.22
CA PHE D 93 -5.39 32.15 -0.60
C PHE D 93 -6.26 31.59 0.51
N ARG D 94 -7.16 30.70 0.13
CA ARG D 94 -8.01 30.01 1.08
C ARG D 94 -8.30 28.61 0.54
N LEU D 95 -8.45 27.65 1.44
CA LEU D 95 -8.98 26.35 1.05
C LEU D 95 -10.38 26.57 0.47
N ARG D 96 -10.69 25.94 -0.64
CA ARG D 96 -12.02 26.06 -1.22
C ARG D 96 -13.06 25.36 -0.36
N PRO D 97 -14.31 25.85 -0.39
CA PRO D 97 -15.42 25.10 0.23
C PRO D 97 -15.50 23.71 -0.39
N ASN D 98 -15.68 22.68 0.44
CA ASN D 98 -15.75 21.32 -0.05
C ASN D 98 -14.57 21.01 -0.98
N ALA D 99 -13.38 21.34 -0.51
CA ALA D 99 -12.17 21.31 -1.32
C ALA D 99 -11.88 19.94 -1.92
N PHE D 100 -12.14 18.88 -1.17
CA PHE D 100 -11.79 17.55 -1.66
C PHE D 100 -12.80 17.06 -2.69
N ALA D 101 -14.02 17.58 -2.65
CA ALA D 101 -14.97 17.35 -3.72
C ALA D 101 -14.50 18.08 -4.98
N ALA D 102 -14.02 19.31 -4.82
CA ALA D 102 -13.49 20.07 -5.94
C ALA D 102 -12.28 19.37 -6.53
N GLY D 103 -11.48 18.75 -5.66
CA GLY D 103 -10.35 17.96 -6.09
C GLY D 103 -10.80 16.79 -6.95
N GLU D 104 -11.87 16.12 -6.54
CA GLU D 104 -12.39 14.98 -7.28
C GLU D 104 -12.95 15.41 -8.64
N ARG D 105 -13.55 16.61 -8.70
CA ARG D 105 -13.99 17.13 -9.99
C ARG D 105 -12.81 17.31 -10.94
N GLU D 106 -11.69 17.80 -10.43
CA GLU D 106 -10.49 17.95 -11.24
C GLU D 106 -9.98 16.59 -11.70
N ARG D 107 -10.09 15.58 -10.82
CA ARG D 107 -9.65 14.25 -11.17
C ARG D 107 -10.50 13.64 -12.30
N ILE D 108 -11.78 14.00 -12.36
CA ILE D 108 -12.62 13.55 -13.47
C ILE D 108 -12.04 14.08 -14.78
N ARG D 109 -11.67 15.37 -14.79
CA ARG D 109 -11.10 15.97 -15.99
CA ARG D 109 -11.08 15.97 -15.99
C ARG D 109 -9.76 15.29 -16.33
N ALA D 110 -8.97 15.02 -15.29
CA ALA D 110 -7.68 14.37 -15.50
C ALA D 110 -7.86 12.97 -16.11
N MET D 111 -8.87 12.24 -15.67
CA MET D 111 -9.15 10.92 -16.21
CA MET D 111 -9.15 10.92 -16.21
C MET D 111 -9.54 10.98 -17.69
N ALA D 112 -10.34 12.00 -18.06
CA ALA D 112 -10.73 12.15 -19.46
C ALA D 112 -9.51 12.45 -20.32
N GLU D 113 -8.60 13.25 -19.77
CA GLU D 113 -7.35 13.54 -20.46
C GLU D 113 -6.57 12.24 -20.71
N LEU D 114 -6.49 11.39 -19.69
CA LEU D 114 -5.79 10.11 -19.83
C LEU D 114 -6.48 9.20 -20.84
N GLN D 115 -7.82 9.23 -20.85
CA GLN D 115 -8.58 8.52 -21.87
C GLN D 115 -8.15 8.92 -23.27
N ASP D 116 -8.04 10.23 -23.50
CA ASP D 116 -7.63 10.75 -24.80
C ASP D 116 -6.24 10.21 -25.16
N LEU D 117 -5.37 10.07 -24.16
CA LEU D 117 -4.03 9.52 -24.42
C LEU D 117 -4.07 8.04 -24.76
N ALA D 118 -4.96 7.29 -24.10
CA ALA D 118 -5.14 5.90 -24.45
C ALA D 118 -5.49 5.77 -25.93
N ASP D 119 -6.32 6.69 -26.45
CA ASP D 119 -6.65 6.71 -27.87
C ASP D 119 -5.41 6.83 -28.74
N VAL D 120 -4.48 7.68 -28.31
CA VAL D 120 -3.27 7.92 -29.06
C VAL D 120 -2.49 6.62 -29.16
N GLY D 121 -2.38 5.94 -28.03
CA GLY D 121 -1.67 4.67 -28.00
C GLY D 121 -2.34 3.63 -28.86
N LEU D 122 -3.66 3.57 -28.81
CA LEU D 122 -4.41 2.58 -29.61
C LEU D 122 -4.20 2.82 -31.10
N ARG D 123 -4.22 4.08 -31.51
CA ARG D 123 -3.92 4.39 -32.90
C ARG D 123 -2.51 3.92 -33.24
N ALA D 124 -1.54 4.20 -32.36
CA ALA D 124 -0.15 3.83 -32.62
C ALA D 124 0.02 2.32 -32.78
N LEU D 125 -0.84 1.54 -32.11
CA LEU D 125 -0.77 0.08 -32.19
C LEU D 125 -1.76 -0.48 -33.22
N GLY D 126 -2.34 0.40 -34.04
CA GLY D 126 -3.36 0.00 -35.00
C GLY D 126 -2.95 -1.13 -35.94
N ASP D 127 -1.67 -1.17 -36.30
CA ASP D 127 -1.17 -2.21 -37.22
C ASP D 127 -0.80 -3.51 -36.51
N ALA D 128 -0.59 -3.44 -35.21
CA ALA D 128 -0.14 -4.59 -34.43
C ALA D 128 -1.29 -5.52 -34.08
N PRO D 129 -0.97 -6.76 -33.67
CA PRO D 129 -2.04 -7.68 -33.26
C PRO D 129 -2.92 -7.06 -32.17
N PRO D 130 -4.23 -7.35 -32.20
CA PRO D 130 -5.18 -6.76 -31.25
C PRO D 130 -4.85 -7.08 -29.79
N GLN D 131 -4.23 -8.23 -29.56
CA GLN D 131 -3.88 -8.65 -28.21
C GLN D 131 -2.93 -7.63 -27.57
N ARG D 132 -2.12 -6.99 -28.41
CA ARG D 132 -1.13 -6.07 -27.89
C ARG D 132 -1.80 -4.82 -27.31
N SER D 133 -3.02 -4.54 -27.77
CA SER D 133 -3.74 -3.34 -27.36
C SER D 133 -4.63 -3.56 -26.15
N ARG D 134 -4.62 -4.77 -25.60
CA ARG D 134 -5.51 -5.11 -24.50
C ARG D 134 -5.30 -4.17 -23.32
N ARG D 135 -4.04 -3.94 -22.95
CA ARG D 135 -3.75 -3.05 -21.82
C ARG D 135 -4.36 -1.66 -22.00
N LEU D 136 -4.19 -1.07 -23.18
CA LEU D 136 -4.73 0.27 -23.42
C LEU D 136 -6.27 0.28 -23.45
N ARG D 137 -6.87 -0.77 -23.99
CA ARG D 137 -8.33 -0.83 -23.99
C ARG D 137 -8.88 -0.90 -22.56
N GLU D 138 -8.20 -1.68 -21.72
CA GLU D 138 -8.59 -1.82 -20.31
C GLU D 138 -8.45 -0.48 -19.59
N MET D 139 -7.36 0.23 -19.85
CA MET D 139 -7.16 1.55 -19.30
C MET D 139 -8.30 2.50 -19.68
N ARG D 140 -8.56 2.58 -20.98
CA ARG D 140 -9.58 3.50 -21.48
CA ARG D 140 -9.58 3.50 -21.48
C ARG D 140 -10.94 3.18 -20.88
N ASP D 141 -11.27 1.91 -20.86
CA ASP D 141 -12.58 1.46 -20.37
C ASP D 141 -12.77 1.70 -18.88
N LEU D 142 -11.73 1.42 -18.10
CA LEU D 142 -11.79 1.67 -16.65
C LEU D 142 -11.95 3.16 -16.36
N LEU D 143 -11.20 4.00 -17.05
CA LEU D 143 -11.27 5.44 -16.85
C LEU D 143 -12.67 5.97 -17.18
N ALA D 144 -13.24 5.53 -18.30
CA ALA D 144 -14.57 5.98 -18.68
C ALA D 144 -15.58 5.61 -17.59
N TYR D 145 -15.45 4.38 -17.08
CA TYR D 145 -16.32 3.89 -16.04
C TYR D 145 -16.19 4.73 -14.76
N MET D 146 -14.95 4.92 -14.30
CA MET D 146 -14.72 5.65 -13.06
C MET D 146 -15.15 7.11 -13.15
N GLU D 147 -15.03 7.73 -14.31
CA GLU D 147 -15.45 9.11 -14.46
C GLU D 147 -16.94 9.24 -14.15
N ASN D 148 -17.71 8.27 -14.64
CA ASN D 148 -19.15 8.28 -14.41
C ASN D 148 -19.47 7.98 -12.96
N VAL D 149 -18.77 6.99 -12.41
CA VAL D 149 -18.94 6.63 -11.02
C VAL D 149 -18.73 7.83 -10.10
N VAL D 150 -17.61 8.54 -10.29
CA VAL D 150 -17.26 9.66 -9.44
C VAL D 150 -18.21 10.84 -9.68
N SER D 151 -18.51 11.12 -10.93
CA SER D 151 -19.39 12.25 -11.23
C SER D 151 -20.77 12.02 -10.60
N ASP D 152 -21.33 10.84 -10.82
CA ASP D 152 -22.62 10.50 -10.22
C ASP D 152 -22.56 10.60 -8.69
N ALA D 153 -21.49 10.10 -8.12
CA ALA D 153 -21.34 10.09 -6.66
C ALA D 153 -21.24 11.50 -6.08
N LEU D 154 -20.52 12.39 -6.77
CA LEU D 154 -20.37 13.75 -6.30
C LEU D 154 -21.71 14.48 -6.42
N GLY D 155 -22.47 14.12 -7.43
CA GLY D 155 -23.78 14.71 -7.63
C GLY D 155 -24.69 14.39 -6.46
N ARG D 156 -24.72 13.11 -6.07
CA ARG D 156 -25.54 12.69 -4.95
C ARG D 156 -25.06 13.33 -3.65
N TYR D 157 -23.74 13.34 -3.44
CA TYR D 157 -23.16 13.90 -2.23
C TYR D 157 -23.63 15.34 -2.01
N SER D 158 -23.60 16.15 -3.06
CA SER D 158 -23.99 17.55 -2.95
C SER D 158 -25.48 17.70 -2.60
N GLN D 159 -26.23 16.61 -2.73
CA GLN D 159 -27.65 16.61 -2.36
C GLN D 159 -27.85 15.94 -1.01
C10 2JT E . 3.17 -8.16 11.09
C13 2JT E . 3.76 -12.05 10.21
C15 2JT E . 1.76 -13.36 10.91
C17 2JT E . 1.47 -15.81 10.81
C20 2JT E . 1.56 -17.69 14.16
C21 2JT E . 0.28 -18.35 14.52
C22 2JT E . -0.09 -18.08 15.98
C24 2JT E . 0.76 -18.06 18.28
O01 2JT E . 1.70 -9.21 8.53
C02 2JT E . 1.39 -8.27 9.20
O03 2JT E . 1.53 -7.11 8.52
C04 2JT E . 0.69 -6.20 8.30
C05 2JT E . -0.71 -6.73 8.33
O06 2JT E . -1.43 -6.15 9.34
C07 2JT E . 1.29 -5.84 6.88
O08 2JT E . 0.63 -4.96 6.38
C09 2JT E . 1.61 -8.11 10.74
C11 2JT E . 3.64 -9.59 11.39
C12 2JT E . 3.26 -10.58 10.20
C14 2JT E . 2.68 -13.01 9.75
C16 2JT E . 0.86 -14.48 10.65
C18 2JT E . 1.89 -16.08 12.17
C19 2JT E . 1.77 -17.55 12.63
C23 2JT E . 0.73 -18.74 16.99
C25 2JT E . 1.95 -18.65 19.03
C10 2JT F . -2.72 8.87 -12.92
C13 2JT F . -2.57 11.02 -10.88
C15 2JT F . -3.55 13.12 -9.98
C17 2JT F . -4.88 15.27 -10.01
C20 2JT F . -5.01 17.79 -12.94
C21 2JT F . -6.48 18.25 -12.94
C22 2JT F . -7.18 17.88 -14.25
C24 2JT F . -7.05 18.05 -16.75
O01 2JT F . -5.51 9.37 -12.92
C02 2JT F . -5.10 8.21 -12.91
O03 2JT F . -5.98 7.16 -12.93
C04 2JT F . -5.82 6.07 -12.00
C05 2JT F . -6.86 5.03 -12.43
O06 2JT F . -6.42 3.87 -11.84
C07 2JT F . -6.12 6.63 -10.60
O08 2JT F . -6.06 5.52 -9.74
C09 2JT F . -3.70 7.76 -12.60
C11 2JT F . -1.61 8.92 -11.88
C12 2JT F . -1.32 10.38 -11.51
C14 2JT F . -2.33 12.51 -10.67
C16 2JT F . -4.14 14.22 -10.86
C18 2JT F . -5.55 16.32 -10.91
C19 2JT F . -4.80 16.43 -12.23
C23 2JT F . -6.63 18.69 -15.43
C25 2JT F . -6.51 18.85 -17.92
#